data_5VSF
#
_entry.id   5VSF
#
_cell.length_a   74.851
_cell.length_b   96.088
_cell.length_c   102.101
_cell.angle_alpha   90.000
_cell.angle_beta   90.000
_cell.angle_gamma   90.000
#
_symmetry.space_group_name_H-M   'P 21 21 21'
#
loop_
_entity.id
_entity.type
_entity.pdbx_description
1 polymer 'Histone-lysine N-methyltransferase EHMT1'
2 non-polymer S-ADENOSYLMETHIONINE
3 non-polymer 'ZINC ION'
4 non-polymer N~2~-cyclopentyl-6,7-dimethoxy-N~2~-methyl-N~4~-(1-methylpiperidin-4-yl)quinazoline-2,4-diamine
5 non-polymer '1,4-DIETHYLENE DIOXIDE'
6 non-polymer GLYCEROL
7 water water
#
_entity_poly.entity_id   1
_entity_poly.type   'polypeptide(L)'
_entity_poly.pdbx_seq_one_letter_code
;VERIVSRDIARGYERIPIPCVNAVDSEPCPSNYKYVSQNCVTSPMNIDRNITHLQYCVCIDDCSSSNCMCGQLSMRCWYD
KDGRLLPEFNMAEPPLIFECNHACSCWRNCRNRVVQNGLRARLQLYRTRDMGWGVRSLQDIPPGTFVCEYVGELISDSEA
DVREEDSYLFDLDNKDGEVYCIDARFYGNVSRFINHHCEPNLVPVRVFMAHQDLRFPRIAFFSTRLIEAGEQLGFDYGER
FWDIKGKLFSCRCGSPKCRHS
;
_entity_poly.pdbx_strand_id   A,B
#
# COMPACT_ATOMS: atom_id res chain seq x y z
N VAL A 1 -22.85 -30.42 12.69
CA VAL A 1 -23.31 -29.23 11.97
C VAL A 1 -22.16 -28.25 11.79
N GLU A 2 -22.15 -27.52 10.68
CA GLU A 2 -21.07 -26.59 10.34
C GLU A 2 -21.46 -25.18 10.78
N ARG A 3 -20.80 -24.69 11.81
CA ARG A 3 -21.01 -23.36 12.35
C ARG A 3 -20.19 -22.35 11.55
N ILE A 4 -20.82 -21.26 11.12
CA ILE A 4 -20.09 -20.11 10.61
C ILE A 4 -19.74 -19.22 11.80
N VAL A 5 -18.44 -19.10 12.10
CA VAL A 5 -18.03 -18.30 13.25
C VAL A 5 -17.43 -16.97 12.84
N SER A 6 -17.19 -16.74 11.56
CA SER A 6 -16.88 -15.40 11.09
C SER A 6 -17.13 -15.36 9.59
N ARG A 7 -17.79 -14.29 9.12
CA ARG A 7 -17.93 -14.12 7.68
C ARG A 7 -16.65 -13.63 7.01
N ASP A 8 -15.71 -13.08 7.78
CA ASP A 8 -14.45 -12.59 7.20
C ASP A 8 -13.42 -12.31 8.28
N ILE A 9 -12.43 -13.20 8.44
CA ILE A 9 -11.41 -12.99 9.47
C ILE A 9 -10.53 -11.79 9.14
N ALA A 10 -10.55 -11.33 7.89
CA ALA A 10 -9.74 -10.20 7.47
C ALA A 10 -10.43 -8.86 7.63
N ARG A 11 -11.70 -8.84 8.06
CA ARG A 11 -12.42 -7.59 8.36
C ARG A 11 -12.42 -6.64 7.16
N GLY A 12 -12.55 -7.20 5.96
CA GLY A 12 -12.67 -6.38 4.77
C GLY A 12 -11.36 -5.91 4.16
N TYR A 13 -10.22 -6.34 4.70
CA TYR A 13 -8.94 -5.85 4.18
C TYR A 13 -8.49 -6.58 2.91
N GLU A 14 -9.03 -7.75 2.61
CA GLU A 14 -8.69 -8.43 1.36
C GLU A 14 -9.77 -8.18 0.30
N ARG A 15 -9.43 -8.56 -0.94
CA ARG A 15 -10.36 -8.37 -2.06
C ARG A 15 -11.60 -9.23 -1.91
N ILE A 16 -11.48 -10.35 -1.20
CA ILE A 16 -12.60 -11.24 -0.95
C ILE A 16 -12.63 -11.53 0.56
N PRO A 17 -13.78 -11.91 1.09
CA PRO A 17 -13.82 -12.29 2.50
C PRO A 17 -13.13 -13.62 2.71
N ILE A 18 -12.62 -13.83 3.91
CA ILE A 18 -12.10 -15.13 4.28
C ILE A 18 -12.90 -15.63 5.46
N PRO A 19 -13.97 -16.39 5.24
CA PRO A 19 -14.80 -16.83 6.38
C PRO A 19 -14.09 -17.91 7.18
N CYS A 20 -14.63 -18.13 8.38
CA CYS A 20 -14.17 -19.17 9.29
C CYS A 20 -15.37 -20.02 9.66
N VAL A 21 -15.23 -21.34 9.53
CA VAL A 21 -16.28 -22.28 9.89
C VAL A 21 -15.71 -23.35 10.81
N ASN A 22 -16.60 -23.98 11.56
CA ASN A 22 -16.19 -25.02 12.50
C ASN A 22 -17.28 -26.08 12.52
N ALA A 23 -17.00 -27.24 11.93
CA ALA A 23 -17.92 -28.37 11.96
C ALA A 23 -17.43 -29.46 12.89
N VAL A 24 -16.46 -29.17 13.76
CA VAL A 24 -15.77 -30.19 14.53
C VAL A 24 -16.00 -30.05 16.04
N ASP A 25 -15.87 -28.83 16.56
CA ASP A 25 -15.91 -28.64 18.01
C ASP A 25 -16.44 -27.24 18.35
N SER A 26 -16.23 -26.87 19.61
CA SER A 26 -16.79 -25.72 20.28
C SER A 26 -16.00 -24.46 20.03
N GLU A 27 -14.83 -24.59 19.41
CA GLU A 27 -13.84 -23.53 19.40
C GLU A 27 -14.34 -22.32 18.64
N PRO A 28 -14.28 -21.14 19.23
CA PRO A 28 -14.65 -19.92 18.52
C PRO A 28 -13.56 -19.56 17.55
N CYS A 29 -13.89 -18.59 16.70
CA CYS A 29 -12.92 -18.06 15.75
C CYS A 29 -11.64 -17.64 16.52
N PRO A 30 -10.47 -18.00 16.01
CA PRO A 30 -9.23 -17.63 16.74
C PRO A 30 -9.12 -16.12 16.91
N SER A 31 -8.67 -15.71 18.09
CA SER A 31 -8.58 -14.28 18.39
C SER A 31 -7.33 -13.93 19.18
N ASN A 32 -6.37 -14.84 19.34
CA ASN A 32 -5.15 -14.58 20.09
C ASN A 32 -4.03 -14.03 19.21
N TYR A 33 -4.39 -13.41 18.09
CA TYR A 33 -3.45 -12.81 17.17
C TYR A 33 -4.16 -11.62 16.54
N LYS A 34 -3.42 -10.78 15.84
CA LYS A 34 -3.98 -9.66 15.10
C LYS A 34 -3.86 -9.95 13.61
N TYR A 35 -4.99 -9.98 12.90
CA TYR A 35 -4.93 -10.18 11.46
C TYR A 35 -4.42 -8.91 10.79
N VAL A 36 -3.34 -9.03 10.01
CA VAL A 36 -2.87 -7.93 9.18
C VAL A 36 -2.70 -8.45 7.75
N SER A 37 -3.07 -7.63 6.77
CA SER A 37 -2.97 -8.07 5.39
C SER A 37 -1.60 -7.84 4.76
N GLN A 38 -0.74 -7.04 5.38
CA GLN A 38 0.63 -6.85 4.88
C GLN A 38 1.60 -6.90 6.04
N ASN A 39 2.87 -7.16 5.71
CA ASN A 39 3.92 -7.32 6.72
C ASN A 39 4.05 -6.07 7.58
N CYS A 40 4.41 -6.29 8.85
CA CYS A 40 4.64 -5.19 9.77
C CYS A 40 5.96 -5.41 10.49
N VAL A 41 6.36 -4.41 11.28
CA VAL A 41 7.51 -4.54 12.16
C VAL A 41 7.14 -4.06 13.55
N THR A 42 7.85 -4.57 14.56
CA THR A 42 7.89 -3.89 15.84
C THR A 42 9.21 -3.13 15.89
N SER A 43 10.29 -3.78 16.32
CA SER A 43 11.62 -3.15 16.23
C SER A 43 11.96 -2.84 14.78
N PRO A 44 12.65 -1.72 14.50
CA PRO A 44 12.85 -1.31 13.11
C PRO A 44 13.76 -2.28 12.34
N MET A 45 13.44 -2.47 11.05
CA MET A 45 14.23 -3.32 10.17
C MET A 45 15.10 -2.54 9.19
N ASN A 46 14.76 -1.28 8.91
CA ASN A 46 15.59 -0.44 8.04
C ASN A 46 15.73 -1.05 6.66
N ILE A 47 14.61 -1.54 6.12
CA ILE A 47 14.56 -1.97 4.73
C ILE A 47 15.00 -0.81 3.84
N ASP A 48 15.81 -1.12 2.82
CA ASP A 48 16.27 -0.08 1.92
C ASP A 48 15.14 0.27 0.97
N ARG A 49 14.59 1.47 1.13
CA ARG A 49 13.50 1.93 0.29
C ARG A 49 13.87 3.17 -0.51
N ASN A 50 15.17 3.41 -0.68
CA ASN A 50 15.61 4.49 -1.55
C ASN A 50 15.13 4.23 -2.96
N ILE A 51 14.27 5.12 -3.48
CA ILE A 51 13.68 4.86 -4.80
C ILE A 51 14.75 4.77 -5.88
N THR A 52 15.89 5.46 -5.71
CA THR A 52 16.94 5.41 -6.72
C THR A 52 17.72 4.09 -6.70
N HIS A 53 17.47 3.23 -5.72
CA HIS A 53 18.11 1.92 -5.69
C HIS A 53 17.32 0.85 -6.42
N LEU A 54 16.12 1.17 -6.88
CA LEU A 54 15.31 0.19 -7.60
C LEU A 54 15.88 -0.03 -9.00
N GLN A 55 16.01 -1.29 -9.39
CA GLN A 55 16.15 -1.60 -10.79
C GLN A 55 14.75 -1.62 -11.40
N TYR A 56 14.64 -1.15 -12.63
CA TYR A 56 13.32 -0.96 -13.23
C TYR A 56 13.45 -1.19 -14.73
N CYS A 57 12.29 -1.25 -15.41
CA CYS A 57 12.29 -1.47 -16.85
C CYS A 57 11.81 -0.23 -17.58
N VAL A 58 12.10 -0.19 -18.89
CA VAL A 58 11.77 0.95 -19.72
C VAL A 58 10.80 0.52 -20.81
N CYS A 59 9.98 -0.50 -20.52
CA CYS A 59 9.16 -1.10 -21.56
C CYS A 59 8.15 -0.12 -22.12
N ILE A 60 7.92 -0.24 -23.43
CA ILE A 60 6.91 0.54 -24.15
C ILE A 60 5.64 -0.25 -24.41
N ASP A 61 5.56 -1.48 -23.92
CA ASP A 61 4.38 -2.32 -24.08
C ASP A 61 3.83 -2.71 -22.72
N ASP A 62 3.22 -3.90 -22.62
CA ASP A 62 2.69 -4.44 -21.37
C ASP A 62 3.67 -5.35 -20.63
N CYS A 63 4.97 -5.24 -20.91
CA CYS A 63 6.02 -6.07 -20.29
C CYS A 63 5.84 -7.55 -20.60
N SER A 64 5.29 -7.87 -21.76
CA SER A 64 5.20 -9.25 -22.20
C SER A 64 6.26 -9.59 -23.24
N SER A 65 7.16 -8.66 -23.55
CA SER A 65 8.16 -8.91 -24.58
C SER A 65 9.40 -9.55 -23.97
N SER A 66 10.27 -10.06 -24.86
CA SER A 66 11.54 -10.63 -24.43
C SER A 66 12.46 -9.59 -23.78
N ASN A 67 12.19 -8.30 -23.99
CA ASN A 67 13.09 -7.24 -23.57
C ASN A 67 12.75 -6.58 -22.25
N CYS A 68 11.82 -7.13 -21.46
CA CYS A 68 11.53 -6.49 -20.18
C CYS A 68 12.68 -6.69 -19.21
N MET A 69 13.28 -5.58 -18.77
CA MET A 69 14.42 -5.67 -17.86
C MET A 69 14.04 -6.32 -16.53
N CYS A 70 12.80 -6.14 -16.08
CA CYS A 70 12.38 -6.78 -14.84
C CYS A 70 12.23 -8.29 -15.00
N GLY A 71 11.69 -8.72 -16.13
CA GLY A 71 11.70 -10.15 -16.41
C GLY A 71 13.11 -10.71 -16.45
N GLN A 72 14.07 -9.93 -16.95
CA GLN A 72 15.44 -10.40 -17.05
C GLN A 72 16.02 -10.69 -15.67
N LEU A 73 15.70 -9.86 -14.67
CA LEU A 73 16.16 -10.12 -13.30
C LEU A 73 15.60 -11.44 -12.79
N SER A 74 14.41 -11.79 -13.24
CA SER A 74 13.68 -13.00 -12.90
C SER A 74 14.09 -14.19 -13.77
N MET A 75 15.13 -14.02 -14.60
CA MET A 75 15.57 -14.89 -15.69
C MET A 75 14.76 -14.59 -16.96
N ARG A 76 13.44 -14.68 -16.81
CA ARG A 76 12.43 -14.25 -17.75
C ARG A 76 11.23 -13.94 -16.88
N CYS A 77 10.27 -13.20 -17.42
CA CYS A 77 9.00 -13.08 -16.72
C CYS A 77 8.31 -14.44 -16.69
N TRP A 78 7.90 -14.88 -15.50
CA TRP A 78 7.31 -16.21 -15.36
C TRP A 78 5.79 -16.21 -15.40
N TYR A 79 5.17 -15.06 -15.64
CA TYR A 79 3.72 -14.97 -15.60
C TYR A 79 3.14 -15.02 -17.02
N ASP A 80 2.07 -15.79 -17.21
CA ASP A 80 1.35 -15.76 -18.47
C ASP A 80 0.29 -14.66 -18.43
N LYS A 81 -0.58 -14.64 -19.45
CA LYS A 81 -1.54 -13.54 -19.55
C LYS A 81 -2.60 -13.59 -18.46
N ASP A 82 -2.79 -14.75 -17.83
CA ASP A 82 -3.73 -14.90 -16.73
C ASP A 82 -3.08 -14.75 -15.36
N GLY A 83 -1.82 -14.33 -15.32
CA GLY A 83 -1.12 -14.20 -14.06
C GLY A 83 -0.62 -15.50 -13.48
N ARG A 84 -0.58 -16.57 -14.26
CA ARG A 84 -0.19 -17.88 -13.75
C ARG A 84 1.24 -18.17 -14.16
N LEU A 85 1.94 -18.96 -13.33
CA LEU A 85 3.32 -19.29 -13.64
C LEU A 85 3.39 -20.17 -14.88
N LEU A 86 4.39 -19.93 -15.71
CA LEU A 86 4.56 -20.73 -16.92
C LEU A 86 4.77 -22.20 -16.57
N PRO A 87 4.39 -23.12 -17.47
CA PRO A 87 4.61 -24.55 -17.20
C PRO A 87 6.07 -24.90 -16.95
N GLU A 88 7.00 -24.14 -17.51
CA GLU A 88 8.43 -24.34 -17.34
C GLU A 88 8.93 -23.91 -15.97
N PHE A 89 8.08 -23.28 -15.16
CA PHE A 89 8.52 -22.81 -13.86
C PHE A 89 8.99 -23.97 -13.00
N ASN A 90 10.13 -23.80 -12.35
CA ASN A 90 10.78 -24.89 -11.62
C ASN A 90 10.26 -24.88 -10.18
N MET A 91 9.23 -25.71 -9.92
CA MET A 91 8.63 -25.74 -8.58
C MET A 91 9.59 -26.30 -7.53
N ALA A 92 10.54 -27.13 -7.92
CA ALA A 92 11.48 -27.71 -6.97
C ALA A 92 12.57 -26.72 -6.57
N GLU A 93 12.85 -25.74 -7.43
CA GLU A 93 13.91 -24.75 -7.19
C GLU A 93 13.48 -23.42 -7.80
N PRO A 94 12.55 -22.71 -7.17
CA PRO A 94 11.98 -21.49 -7.79
C PRO A 94 13.01 -20.38 -7.88
N PRO A 95 13.00 -19.60 -8.95
CA PRO A 95 13.84 -18.41 -9.00
C PRO A 95 13.23 -17.28 -8.17
N LEU A 96 14.04 -16.25 -7.93
CA LEU A 96 13.53 -15.00 -7.36
C LEU A 96 12.75 -14.25 -8.43
N ILE A 97 11.57 -13.75 -8.07
CA ILE A 97 10.73 -12.99 -9.00
C ILE A 97 10.84 -11.52 -8.65
N PHE A 98 11.17 -10.71 -9.65
CA PHE A 98 11.14 -9.25 -9.52
C PHE A 98 9.96 -8.74 -10.33
N GLU A 99 8.89 -8.34 -9.63
CA GLU A 99 7.76 -7.74 -10.32
C GLU A 99 8.08 -6.29 -10.66
N CYS A 100 7.30 -5.74 -11.57
CA CYS A 100 7.47 -4.33 -11.88
C CYS A 100 7.06 -3.48 -10.67
N ASN A 101 7.55 -2.24 -10.67
CA ASN A 101 7.40 -1.35 -9.53
C ASN A 101 7.13 0.06 -10.03
N HIS A 102 7.03 0.99 -9.08
CA HIS A 102 6.65 2.37 -9.39
C HIS A 102 7.76 3.15 -10.06
N ALA A 103 8.97 2.61 -10.16
CA ALA A 103 10.00 3.27 -10.96
C ALA A 103 9.99 2.84 -12.42
N CYS A 104 9.32 1.75 -12.75
CA CYS A 104 9.25 1.27 -14.12
C CYS A 104 8.49 2.25 -15.01
N SER A 105 8.81 2.22 -16.31
CA SER A 105 8.14 3.08 -17.28
C SER A 105 6.78 2.53 -17.71
N CYS A 106 6.51 1.25 -17.41
CA CYS A 106 5.28 0.60 -17.83
C CYS A 106 4.11 1.09 -16.97
N TRP A 107 2.92 0.63 -17.35
CA TRP A 107 1.69 1.01 -16.66
C TRP A 107 1.40 0.02 -15.52
N ARG A 108 0.51 0.44 -14.63
CA ARG A 108 0.19 -0.37 -13.45
C ARG A 108 -0.48 -1.68 -13.79
N ASN A 109 -1.01 -1.82 -15.01
CA ASN A 109 -1.68 -3.05 -15.41
C ASN A 109 -0.80 -3.94 -16.28
N CYS A 110 0.53 -3.78 -16.21
CA CYS A 110 1.39 -4.62 -17.04
C CYS A 110 1.36 -6.08 -16.58
N ARG A 111 1.93 -6.94 -17.43
CA ARG A 111 1.94 -8.39 -17.24
C ARG A 111 2.68 -8.83 -15.99
N ASN A 112 3.73 -8.09 -15.61
CA ASN A 112 4.68 -8.50 -14.59
C ASN A 112 4.28 -7.99 -13.22
N ARG A 113 2.99 -8.14 -12.89
CA ARG A 113 2.45 -7.71 -11.62
C ARG A 113 1.37 -8.72 -11.25
N VAL A 114 1.62 -9.51 -10.23
CA VAL A 114 0.66 -10.53 -9.80
C VAL A 114 0.54 -10.47 -8.28
N VAL A 115 1.64 -10.71 -7.57
CA VAL A 115 1.58 -10.73 -6.12
C VAL A 115 1.20 -9.37 -5.57
N GLN A 116 1.66 -8.29 -6.23
CA GLN A 116 1.33 -6.96 -5.73
C GLN A 116 -0.14 -6.62 -5.88
N ASN A 117 -0.90 -7.43 -6.63
CA ASN A 117 -2.34 -7.19 -6.79
C ASN A 117 -3.17 -7.86 -5.71
N GLY A 118 -2.55 -8.66 -4.84
CA GLY A 118 -3.20 -9.14 -3.64
C GLY A 118 -3.93 -10.46 -3.83
N LEU A 119 -4.40 -10.96 -2.70
CA LEU A 119 -5.10 -12.24 -2.66
C LEU A 119 -6.39 -12.16 -3.48
N ARG A 120 -6.63 -13.19 -4.31
CA ARG A 120 -7.82 -13.25 -5.15
C ARG A 120 -8.61 -14.55 -4.93
N ALA A 121 -7.92 -15.62 -4.54
CA ALA A 121 -8.57 -16.92 -4.43
C ALA A 121 -9.55 -16.95 -3.26
N ARG A 122 -10.65 -17.70 -3.43
CA ARG A 122 -11.65 -17.85 -2.39
C ARG A 122 -11.15 -18.89 -1.38
N LEU A 123 -10.72 -18.42 -0.21
CA LEU A 123 -10.20 -19.30 0.83
C LEU A 123 -11.13 -19.33 2.04
N GLN A 124 -10.92 -20.32 2.89
CA GLN A 124 -11.74 -20.44 4.09
C GLN A 124 -10.92 -21.04 5.22
N LEU A 125 -10.99 -20.40 6.39
CA LEU A 125 -10.43 -20.99 7.60
C LEU A 125 -11.43 -21.99 8.16
N TYR A 126 -10.97 -23.19 8.49
CA TYR A 126 -11.90 -24.21 8.98
C TYR A 126 -11.21 -25.06 10.03
N ARG A 127 -12.03 -25.72 10.85
CA ARG A 127 -11.52 -26.57 11.92
C ARG A 127 -11.29 -27.97 11.37
N THR A 128 -10.04 -28.42 11.37
CA THR A 128 -9.70 -29.78 11.00
C THR A 128 -10.00 -30.73 12.15
N ARG A 129 -9.93 -32.04 11.86
CA ARG A 129 -10.23 -32.99 12.93
C ARG A 129 -9.04 -33.22 13.87
N ASP A 130 -7.79 -33.12 13.38
CA ASP A 130 -6.69 -33.42 14.28
C ASP A 130 -5.46 -32.56 14.06
N MET A 131 -5.59 -31.44 13.35
CA MET A 131 -4.49 -30.50 13.19
C MET A 131 -4.94 -29.08 13.48
N GLY A 132 -5.89 -28.91 14.40
CA GLY A 132 -6.33 -27.56 14.75
C GLY A 132 -7.05 -26.88 13.60
N TRP A 133 -6.77 -25.59 13.41
CA TRP A 133 -7.30 -24.85 12.28
C TRP A 133 -6.47 -25.13 11.03
N GLY A 134 -7.14 -25.09 9.89
CA GLY A 134 -6.48 -25.16 8.61
C GLY A 134 -7.17 -24.24 7.61
N VAL A 135 -6.59 -24.17 6.41
CA VAL A 135 -7.14 -23.32 5.35
C VAL A 135 -7.49 -24.19 4.16
N ARG A 136 -8.68 -24.00 3.61
CA ARG A 136 -9.06 -24.72 2.40
C ARG A 136 -9.40 -23.74 1.29
N SER A 137 -9.31 -24.25 0.07
CA SER A 137 -9.77 -23.51 -1.11
C SER A 137 -11.24 -23.80 -1.34
N LEU A 138 -12.01 -22.75 -1.62
CA LEU A 138 -13.42 -22.94 -1.93
C LEU A 138 -13.68 -23.09 -3.42
N GLN A 139 -12.65 -22.95 -4.27
CA GLN A 139 -12.79 -23.05 -5.73
C GLN A 139 -11.73 -24.01 -6.21
N ASP A 140 -11.82 -24.40 -7.48
CA ASP A 140 -10.66 -25.00 -8.11
C ASP A 140 -9.60 -23.92 -8.30
N ILE A 141 -8.35 -24.27 -8.05
CA ILE A 141 -7.22 -23.35 -8.29
C ILE A 141 -6.31 -23.99 -9.33
N PRO A 142 -6.20 -23.44 -10.53
CA PRO A 142 -5.33 -24.03 -11.56
C PRO A 142 -3.88 -24.02 -11.11
N PRO A 143 -3.04 -24.90 -11.68
CA PRO A 143 -1.61 -24.88 -11.35
C PRO A 143 -0.97 -23.52 -11.62
N GLY A 144 0.00 -23.17 -10.78
CA GLY A 144 0.76 -21.95 -11.01
C GLY A 144 0.07 -20.67 -10.62
N THR A 145 -1.01 -20.75 -9.84
CA THR A 145 -1.78 -19.58 -9.43
C THR A 145 -1.24 -19.03 -8.11
N PHE A 146 -1.13 -17.69 -8.01
CA PHE A 146 -0.83 -17.07 -6.73
C PHE A 146 -2.00 -17.28 -5.78
N VAL A 147 -1.72 -17.86 -4.60
CA VAL A 147 -2.78 -18.17 -3.64
C VAL A 147 -2.80 -17.18 -2.48
N CYS A 148 -1.67 -17.02 -1.77
CA CYS A 148 -1.59 -16.04 -0.69
C CYS A 148 -0.14 -15.80 -0.33
N GLU A 149 0.11 -14.70 0.35
CA GLU A 149 1.44 -14.33 0.84
C GLU A 149 1.57 -14.76 2.30
N TYR A 150 2.77 -15.20 2.70
CA TYR A 150 3.05 -15.45 4.12
C TYR A 150 3.35 -14.10 4.76
N VAL A 151 2.38 -13.58 5.51
CA VAL A 151 2.44 -12.22 6.05
C VAL A 151 2.59 -12.31 7.57
N GLY A 152 3.47 -11.47 8.11
CA GLY A 152 3.62 -11.38 9.55
C GLY A 152 4.53 -10.25 9.96
N GLU A 153 5.15 -10.43 11.13
CA GLU A 153 6.08 -9.46 11.71
C GLU A 153 7.49 -9.79 11.24
N LEU A 154 8.17 -8.83 10.61
CA LEU A 154 9.56 -9.05 10.19
C LEU A 154 10.48 -8.87 11.39
N ILE A 155 11.31 -9.89 11.66
CA ILE A 155 12.21 -9.87 12.82
C ILE A 155 13.60 -10.36 12.42
N SER A 156 14.60 -9.96 13.19
CA SER A 156 15.96 -10.44 13.00
C SER A 156 16.11 -11.89 13.48
N ASP A 157 17.16 -12.56 13.01
CA ASP A 157 17.48 -13.89 13.52
C ASP A 157 17.77 -13.87 15.01
N SER A 158 18.46 -12.84 15.49
CA SER A 158 18.72 -12.74 16.92
C SER A 158 17.44 -12.62 17.73
N GLU A 159 16.42 -11.94 17.18
CA GLU A 159 15.14 -11.85 17.88
C GLU A 159 14.39 -13.17 17.82
N ALA A 160 14.44 -13.85 16.67
CA ALA A 160 13.85 -15.18 16.58
C ALA A 160 14.49 -16.14 17.57
N ASP A 161 15.78 -15.94 17.86
CA ASP A 161 16.49 -16.80 18.81
C ASP A 161 15.94 -16.70 20.22
N VAL A 162 15.23 -15.63 20.55
CA VAL A 162 14.67 -15.47 21.88
C VAL A 162 13.14 -15.50 21.84
N ARG A 163 12.56 -15.95 20.74
CA ARG A 163 11.13 -16.10 20.68
C ARG A 163 10.78 -17.53 21.04
N GLU A 164 10.09 -17.68 22.16
CA GLU A 164 9.71 -18.98 22.69
C GLU A 164 8.66 -19.68 21.81
N GLU A 165 7.73 -18.95 21.23
CA GLU A 165 6.73 -19.58 20.36
C GLU A 165 7.24 -19.48 18.93
N ASP A 166 7.67 -20.61 18.39
CA ASP A 166 8.28 -20.66 17.06
C ASP A 166 7.46 -21.48 16.06
N SER A 167 6.18 -21.74 16.36
CA SER A 167 5.35 -22.54 15.47
C SER A 167 4.82 -21.76 14.27
N TYR A 168 5.02 -20.44 14.23
CA TYR A 168 4.54 -19.58 13.16
C TYR A 168 5.68 -18.77 12.60
N LEU A 169 6.82 -19.41 12.35
CA LEU A 169 8.01 -18.74 11.83
C LEU A 169 8.32 -19.19 10.41
N PHE A 170 8.65 -18.23 9.55
CA PHE A 170 9.15 -18.52 8.21
C PHE A 170 10.53 -17.87 8.06
N ASP A 171 11.55 -18.68 7.82
CA ASP A 171 12.92 -18.19 7.65
C ASP A 171 13.10 -17.57 6.27
N LEU A 172 13.68 -16.37 6.22
CA LEU A 172 14.01 -15.78 4.92
C LEU A 172 15.44 -16.14 4.50
N ASP A 173 15.92 -15.48 3.46
CA ASP A 173 17.16 -15.86 2.79
C ASP A 173 18.37 -15.33 3.56
N ASN A 174 19.40 -16.16 3.68
CA ASN A 174 20.69 -15.69 4.19
C ASN A 174 21.37 -14.85 3.11
N LYS A 175 21.58 -13.56 3.40
CA LYS A 175 22.20 -12.63 2.46
C LYS A 175 23.40 -11.99 3.13
N ASP A 176 24.60 -12.40 2.70
CA ASP A 176 25.86 -11.86 3.21
C ASP A 176 25.93 -11.95 4.74
N GLY A 177 25.42 -13.05 5.30
CA GLY A 177 25.47 -13.29 6.72
C GLY A 177 24.24 -12.85 7.49
N GLU A 178 23.50 -11.87 6.98
CA GLU A 178 22.30 -11.34 7.62
C GLU A 178 21.08 -12.20 7.27
N VAL A 179 20.39 -12.70 8.29
CA VAL A 179 19.17 -13.47 8.06
C VAL A 179 18.02 -12.91 8.89
N TYR A 180 16.82 -12.97 8.32
CA TYR A 180 15.60 -12.44 8.92
C TYR A 180 14.50 -13.50 8.83
N CYS A 181 13.41 -13.21 9.52
CA CYS A 181 12.30 -14.16 9.69
C CYS A 181 11.00 -13.40 9.60
N ILE A 182 9.94 -14.11 9.20
CA ILE A 182 8.58 -13.62 9.36
C ILE A 182 7.96 -14.40 10.50
N ASP A 183 7.58 -13.71 11.57
CA ASP A 183 6.89 -14.34 12.69
C ASP A 183 5.43 -13.94 12.60
N ALA A 184 4.57 -14.92 12.34
CA ALA A 184 3.14 -14.69 12.22
C ALA A 184 2.38 -15.04 13.50
N ARG A 185 3.09 -15.21 14.62
CA ARG A 185 2.41 -15.58 15.86
C ARG A 185 1.49 -14.46 16.35
N PHE A 186 2.00 -13.23 16.43
CA PHE A 186 1.22 -12.15 17.00
C PHE A 186 0.50 -11.30 15.96
N TYR A 187 1.09 -11.13 14.79
CA TYR A 187 0.49 -10.44 13.65
C TYR A 187 0.67 -11.32 12.43
N GLY A 188 -0.42 -11.62 11.74
CA GLY A 188 -0.29 -12.43 10.54
C GLY A 188 -1.57 -12.40 9.74
N ASN A 189 -1.49 -12.97 8.53
CA ASN A 189 -2.68 -13.10 7.70
C ASN A 189 -3.12 -14.57 7.67
N VAL A 190 -3.92 -14.91 6.66
CA VAL A 190 -4.50 -16.25 6.57
C VAL A 190 -3.42 -17.34 6.50
N SER A 191 -2.23 -17.01 5.99
CA SER A 191 -1.21 -18.03 5.79
C SER A 191 -0.75 -18.66 7.10
N ARG A 192 -0.89 -17.95 8.22
CA ARG A 192 -0.46 -18.49 9.50
C ARG A 192 -1.22 -19.75 9.88
N PHE A 193 -2.35 -20.00 9.23
CA PHE A 193 -3.17 -21.17 9.56
C PHE A 193 -2.95 -22.34 8.62
N ILE A 194 -2.07 -22.20 7.63
CA ILE A 194 -1.85 -23.29 6.67
C ILE A 194 -0.98 -24.37 7.32
N ASN A 195 -1.46 -25.61 7.27
CA ASN A 195 -0.78 -26.72 7.88
C ASN A 195 0.30 -27.28 6.95
N HIS A 196 1.20 -28.06 7.54
CA HIS A 196 2.32 -28.63 6.78
C HIS A 196 1.84 -29.87 6.03
N HIS A 197 2.33 -30.03 4.80
CA HIS A 197 2.09 -31.24 4.04
C HIS A 197 3.39 -31.65 3.36
N CYS A 198 3.68 -32.95 3.39
CA CYS A 198 4.93 -33.46 2.82
C CYS A 198 4.90 -33.52 1.29
N GLU A 199 3.73 -33.51 0.67
CA GLU A 199 3.58 -33.43 -0.78
C GLU A 199 2.72 -32.22 -1.09
N PRO A 200 3.24 -31.02 -0.92
CA PRO A 200 2.39 -29.84 -0.76
C PRO A 200 1.78 -29.32 -2.06
N ASN A 201 0.58 -28.78 -1.95
CA ASN A 201 -0.02 -28.15 -3.11
C ASN A 201 0.33 -26.66 -3.22
N LEU A 202 1.15 -26.13 -2.30
CA LEU A 202 1.66 -24.76 -2.39
C LEU A 202 3.18 -24.78 -2.32
N VAL A 203 3.82 -23.87 -3.05
CA VAL A 203 5.27 -23.68 -2.93
C VAL A 203 5.56 -22.21 -2.64
N PRO A 204 6.42 -21.90 -1.67
CA PRO A 204 6.78 -20.49 -1.41
C PRO A 204 7.78 -20.00 -2.44
N VAL A 205 7.51 -18.82 -3.00
CA VAL A 205 8.37 -18.19 -3.98
C VAL A 205 8.77 -16.84 -3.42
N ARG A 206 10.06 -16.51 -3.49
CA ARG A 206 10.55 -15.23 -3.01
C ARG A 206 10.30 -14.14 -4.07
N VAL A 207 9.66 -13.04 -3.69
CA VAL A 207 9.21 -12.03 -4.64
C VAL A 207 9.62 -10.65 -4.17
N PHE A 208 10.01 -9.78 -5.11
CA PHE A 208 10.32 -8.39 -4.84
C PHE A 208 9.36 -7.50 -5.60
N MET A 209 8.84 -6.49 -4.92
CA MET A 209 7.85 -5.60 -5.52
C MET A 209 8.26 -4.16 -5.26
N ALA A 210 7.78 -3.54 -4.18
CA ALA A 210 8.01 -2.11 -3.98
C ALA A 210 9.44 -1.78 -3.58
N HIS A 211 10.17 -2.74 -3.04
CA HIS A 211 11.59 -2.58 -2.73
C HIS A 211 12.34 -3.79 -3.26
N GLN A 212 13.66 -3.66 -3.32
CA GLN A 212 14.48 -4.77 -3.80
C GLN A 212 15.62 -5.03 -2.81
N ASP A 213 15.30 -4.92 -1.53
CA ASP A 213 16.24 -5.23 -0.46
C ASP A 213 16.28 -6.75 -0.33
N LEU A 214 17.40 -7.35 -0.75
CA LEU A 214 17.47 -8.80 -0.88
C LEU A 214 17.43 -9.53 0.47
N ARG A 215 17.58 -8.81 1.58
CA ARG A 215 17.40 -9.42 2.89
C ARG A 215 15.95 -9.71 3.21
N PHE A 216 15.02 -9.06 2.49
CA PHE A 216 13.59 -9.09 2.81
C PHE A 216 12.74 -9.48 1.61
N PRO A 217 12.94 -10.68 1.06
CA PRO A 217 11.99 -11.18 0.07
C PRO A 217 10.62 -11.31 0.72
N ARG A 218 9.59 -11.12 -0.09
CA ARG A 218 8.24 -11.47 0.35
C ARG A 218 7.91 -12.87 -0.15
N ILE A 219 7.14 -13.59 0.65
CA ILE A 219 6.94 -15.03 0.44
C ILE A 219 5.56 -15.23 -0.15
N ALA A 220 5.52 -15.62 -1.42
CA ALA A 220 4.25 -15.80 -2.13
C ALA A 220 4.04 -17.29 -2.39
N PHE A 221 2.90 -17.83 -1.93
CA PHE A 221 2.56 -19.22 -2.19
C PHE A 221 1.84 -19.33 -3.53
N PHE A 222 2.37 -20.17 -4.41
CA PHE A 222 1.74 -20.53 -5.67
C PHE A 222 1.33 -21.99 -5.63
N SER A 223 0.25 -22.32 -6.33
CA SER A 223 -0.17 -23.71 -6.41
C SER A 223 0.79 -24.52 -7.27
N THR A 224 1.12 -25.72 -6.81
CA THR A 224 2.04 -26.61 -7.52
C THR A 224 1.31 -27.54 -8.47
N ARG A 225 -0.01 -27.54 -8.42
CA ARG A 225 -0.87 -28.45 -9.18
C ARG A 225 -2.26 -27.87 -9.11
N LEU A 226 -3.19 -28.49 -9.84
CA LEU A 226 -4.59 -28.12 -9.70
C LEU A 226 -5.03 -28.46 -8.28
N ILE A 227 -5.54 -27.47 -7.56
CA ILE A 227 -6.12 -27.67 -6.23
C ILE A 227 -7.63 -27.71 -6.39
N GLU A 228 -8.25 -28.81 -6.00
CA GLU A 228 -9.68 -28.95 -6.20
C GLU A 228 -10.46 -28.24 -5.11
N ALA A 229 -11.63 -27.71 -5.48
CA ALA A 229 -12.53 -27.07 -4.53
C ALA A 229 -12.71 -27.95 -3.30
N GLY A 230 -12.53 -27.35 -2.12
CA GLY A 230 -12.65 -28.06 -0.86
C GLY A 230 -11.35 -28.56 -0.29
N GLU A 231 -10.29 -28.62 -1.10
CA GLU A 231 -9.02 -29.17 -0.64
C GLU A 231 -8.33 -28.28 0.38
N GLN A 232 -7.69 -28.91 1.36
CA GLN A 232 -6.90 -28.15 2.32
C GLN A 232 -5.60 -27.71 1.66
N LEU A 233 -5.21 -26.47 1.93
CA LEU A 233 -3.92 -25.97 1.49
C LEU A 233 -2.80 -26.52 2.37
N GLY A 234 -1.63 -26.73 1.77
CA GLY A 234 -0.48 -27.11 2.55
C GLY A 234 0.80 -26.65 1.89
N PHE A 235 1.81 -26.36 2.70
CA PHE A 235 3.16 -26.17 2.19
C PHE A 235 4.13 -26.94 3.07
N ASP A 236 5.35 -27.11 2.57
CA ASP A 236 6.38 -27.88 3.29
C ASP A 236 7.11 -26.91 4.23
N TYR A 237 6.89 -27.09 5.54
CA TYR A 237 7.51 -26.22 6.54
C TYR A 237 9.03 -26.32 6.51
N GLY A 238 9.57 -27.42 5.99
CA GLY A 238 11.00 -27.57 5.88
C GLY A 238 11.62 -28.32 7.04
N GLU A 239 12.93 -28.54 6.91
CA GLU A 239 13.65 -29.45 7.81
C GLU A 239 13.96 -28.82 9.16
N ARG A 240 14.10 -27.49 9.24
CA ARG A 240 14.37 -26.90 10.54
C ARG A 240 13.16 -27.03 11.46
N PHE A 241 11.97 -26.77 10.93
CA PHE A 241 10.75 -26.94 11.71
C PHE A 241 10.70 -28.35 12.30
N TRP A 242 10.91 -29.36 11.45
CA TRP A 242 10.71 -30.73 11.91
C TRP A 242 11.89 -31.22 12.75
N ASP A 243 13.08 -30.68 12.55
CA ASP A 243 14.18 -31.01 13.45
C ASP A 243 13.87 -30.56 14.88
N ILE A 244 13.14 -29.47 15.03
CA ILE A 244 12.76 -28.97 16.36
C ILE A 244 11.49 -29.64 16.87
N LYS A 245 10.42 -29.66 16.06
CA LYS A 245 9.13 -30.11 16.54
C LYS A 245 8.96 -31.62 16.52
N GLY A 246 9.77 -32.35 15.74
CA GLY A 246 9.67 -33.80 15.67
C GLY A 246 9.91 -34.50 16.99
N LYS A 247 10.62 -33.86 17.91
CA LYS A 247 10.77 -34.48 19.22
C LYS A 247 9.55 -34.25 20.11
N LEU A 248 8.58 -33.45 19.64
CA LEU A 248 7.32 -33.25 20.35
C LEU A 248 6.15 -33.95 19.70
N PHE A 249 6.08 -33.96 18.37
CA PHE A 249 5.01 -34.67 17.68
C PHE A 249 5.50 -35.04 16.29
N SER A 250 4.81 -36.00 15.68
CA SER A 250 5.13 -36.42 14.33
C SER A 250 4.11 -35.84 13.35
N CYS A 251 4.46 -35.88 12.08
CA CYS A 251 3.62 -35.30 11.04
C CYS A 251 2.33 -36.09 10.86
N ARG A 252 1.21 -35.36 10.75
CA ARG A 252 -0.09 -35.97 10.51
C ARG A 252 -0.64 -35.64 9.13
N CYS A 253 0.22 -35.28 8.16
CA CYS A 253 -0.28 -34.91 6.84
C CYS A 253 -0.95 -36.08 6.16
N GLY A 254 -0.57 -37.31 6.52
CA GLY A 254 -1.19 -38.49 5.96
C GLY A 254 -0.71 -38.90 4.58
N SER A 255 0.31 -38.23 4.07
CA SER A 255 0.83 -38.62 2.76
C SER A 255 1.40 -40.04 2.83
N PRO A 256 1.15 -40.87 1.83
CA PRO A 256 1.85 -42.16 1.75
C PRO A 256 3.35 -42.00 1.61
N LYS A 257 3.83 -40.80 1.26
CA LYS A 257 5.25 -40.51 1.17
C LYS A 257 5.68 -39.54 2.25
N CYS A 258 4.95 -39.52 3.36
CA CYS A 258 5.27 -38.62 4.46
C CYS A 258 6.72 -38.81 4.89
N ARG A 259 7.42 -37.70 5.11
CA ARG A 259 8.84 -37.75 5.46
C ARG A 259 9.09 -37.41 6.91
N HIS A 260 8.05 -37.14 7.68
CA HIS A 260 8.21 -36.70 9.05
C HIS A 260 7.27 -37.43 9.99
N SER A 261 6.80 -38.60 9.60
CA SER A 261 5.86 -39.37 10.41
C SER A 261 6.59 -40.19 11.45
N VAL B 1 -7.79 24.84 -30.75
CA VAL B 1 -8.11 23.44 -30.52
C VAL B 1 -7.34 22.91 -29.30
N GLU B 2 -7.98 22.00 -28.57
CA GLU B 2 -7.43 21.41 -27.36
C GLU B 2 -6.84 20.04 -27.70
N ARG B 3 -5.52 19.93 -27.74
CA ARG B 3 -5.02 18.59 -28.01
C ARG B 3 -4.91 17.80 -26.72
N ILE B 4 -5.22 16.52 -26.81
CA ILE B 4 -4.88 15.56 -25.75
C ILE B 4 -3.42 15.13 -25.94
N VAL B 5 -2.56 15.45 -24.97
CA VAL B 5 -1.14 15.09 -25.05
C VAL B 5 -0.76 13.94 -24.12
N SER B 6 -1.67 13.47 -23.27
CA SER B 6 -1.51 12.22 -22.53
C SER B 6 -2.90 11.76 -22.10
N ARG B 7 -3.19 10.46 -22.28
CA ARG B 7 -4.47 9.99 -21.75
C ARG B 7 -4.42 9.75 -20.26
N ASP B 8 -3.23 9.66 -19.66
CA ASP B 8 -3.13 9.43 -18.22
C ASP B 8 -1.72 9.69 -17.72
N ILE B 9 -1.50 10.82 -17.03
CA ILE B 9 -0.16 11.09 -16.53
C ILE B 9 0.24 10.13 -15.42
N ALA B 10 -0.73 9.44 -14.82
CA ALA B 10 -0.46 8.51 -13.72
C ALA B 10 -0.19 7.08 -14.17
N ARG B 11 -0.33 6.80 -15.47
CA ARG B 11 0.00 5.47 -16.02
C ARG B 11 -0.76 4.36 -15.28
N GLY B 12 -2.00 4.63 -14.91
CA GLY B 12 -2.86 3.63 -14.32
C GLY B 12 -2.72 3.46 -12.83
N TYR B 13 -1.89 4.28 -12.17
CA TYR B 13 -1.68 4.13 -10.74
C TYR B 13 -2.78 4.74 -9.90
N GLU B 14 -3.61 5.61 -10.47
CA GLU B 14 -4.77 6.12 -9.76
C GLU B 14 -6.01 5.34 -10.18
N ARG B 15 -7.09 5.55 -9.42
CA ARG B 15 -8.33 4.84 -9.65
C ARG B 15 -8.96 5.20 -10.99
N ILE B 16 -8.73 6.42 -11.47
CA ILE B 16 -9.20 6.92 -12.76
C ILE B 16 -8.02 7.58 -13.45
N PRO B 17 -8.07 7.72 -14.77
CA PRO B 17 -6.98 8.40 -15.48
C PRO B 17 -6.98 9.89 -15.19
N ILE B 18 -5.78 10.49 -15.30
CA ILE B 18 -5.63 11.94 -15.21
C ILE B 18 -5.03 12.38 -16.54
N PRO B 19 -5.86 12.73 -17.52
CA PRO B 19 -5.34 13.11 -18.84
C PRO B 19 -4.69 14.47 -18.78
N CYS B 20 -3.92 14.77 -19.82
CA CYS B 20 -3.27 16.07 -19.98
C CYS B 20 -3.67 16.65 -21.33
N VAL B 21 -4.15 17.89 -21.32
CA VAL B 21 -4.55 18.58 -22.55
C VAL B 21 -3.84 19.92 -22.64
N ASN B 22 -3.74 20.44 -23.87
CA ASN B 22 -3.07 21.71 -24.10
C ASN B 22 -3.79 22.43 -25.24
N ALA B 23 -4.53 23.48 -24.89
CA ALA B 23 -5.23 24.31 -25.86
C ALA B 23 -4.57 25.68 -26.02
N VAL B 24 -3.35 25.85 -25.53
CA VAL B 24 -2.70 27.16 -25.44
C VAL B 24 -1.47 27.25 -26.35
N ASP B 25 -0.59 26.24 -26.29
CA ASP B 25 0.67 26.33 -27.02
C ASP B 25 1.11 24.93 -27.43
N SER B 26 2.35 24.82 -27.90
CA SER B 26 2.89 23.58 -28.45
C SER B 26 3.57 22.69 -27.42
N GLU B 27 3.56 23.07 -26.14
CA GLU B 27 4.33 22.31 -25.14
C GLU B 27 3.79 20.90 -24.99
N PRO B 28 4.64 19.88 -25.02
CA PRO B 28 4.18 18.51 -24.79
C PRO B 28 3.89 18.28 -23.31
N CYS B 29 3.29 17.12 -23.04
CA CYS B 29 3.04 16.70 -21.67
C CYS B 29 4.32 16.76 -20.87
N PRO B 30 4.32 17.30 -19.65
CA PRO B 30 5.54 17.40 -18.85
C PRO B 30 6.13 16.01 -18.59
N SER B 31 7.45 15.92 -18.70
CA SER B 31 8.12 14.63 -18.53
C SER B 31 9.43 14.73 -17.74
N ASN B 32 9.74 15.87 -17.14
CA ASN B 32 10.99 16.05 -16.40
C ASN B 32 10.85 15.67 -14.93
N TYR B 33 9.94 14.76 -14.61
CA TYR B 33 9.73 14.27 -13.26
C TYR B 33 9.21 12.85 -13.39
N LYS B 34 9.15 12.14 -12.27
CA LYS B 34 8.56 10.80 -12.25
C LYS B 34 7.25 10.86 -11.46
N TYR B 35 6.13 10.47 -12.10
CA TYR B 35 4.86 10.41 -11.38
C TYR B 35 4.89 9.25 -10.40
N VAL B 36 4.62 9.54 -9.13
CA VAL B 36 4.41 8.51 -8.12
C VAL B 36 3.10 8.81 -7.40
N SER B 37 2.34 7.76 -7.09
CA SER B 37 1.06 7.96 -6.44
C SER B 37 1.15 7.98 -4.93
N GLN B 38 2.27 7.57 -4.34
CA GLN B 38 2.49 7.61 -2.91
C GLN B 38 3.88 8.18 -2.63
N ASN B 39 4.04 8.71 -1.41
CA ASN B 39 5.29 9.34 -1.02
C ASN B 39 6.44 8.33 -1.11
N CYS B 40 7.62 8.85 -1.44
CA CYS B 40 8.84 8.04 -1.52
C CYS B 40 9.95 8.75 -0.78
N VAL B 41 11.08 8.06 -0.65
CA VAL B 41 12.29 8.66 -0.09
C VAL B 41 13.47 8.33 -0.99
N THR B 42 14.49 9.18 -0.92
CA THR B 42 15.80 8.77 -1.39
C THR B 42 16.60 8.41 -0.12
N SER B 43 17.23 9.39 0.52
CA SER B 43 17.86 9.15 1.81
C SER B 43 16.83 8.71 2.85
N PRO B 44 17.21 7.83 3.77
CA PRO B 44 16.22 7.27 4.71
C PRO B 44 15.69 8.31 5.68
N MET B 45 14.41 8.19 6.01
CA MET B 45 13.74 9.09 6.96
C MET B 45 13.50 8.48 8.33
N ASN B 46 13.50 7.16 8.44
CA ASN B 46 13.34 6.50 9.75
C ASN B 46 12.02 6.87 10.41
N ILE B 47 10.96 6.90 9.61
CA ILE B 47 9.61 7.03 10.15
C ILE B 47 9.36 5.90 11.15
N ASP B 48 8.74 6.24 12.27
CA ASP B 48 8.45 5.20 13.28
C ASP B 48 7.26 4.37 12.80
N ARG B 49 7.52 3.12 12.43
CA ARG B 49 6.46 2.23 11.97
C ARG B 49 6.30 1.01 12.88
N ASN B 50 6.78 1.09 14.12
CA ASN B 50 6.53 0.04 15.10
C ASN B 50 5.03 -0.08 15.32
N ILE B 51 4.46 -1.25 14.98
CA ILE B 51 3.00 -1.38 15.02
C ILE B 51 2.49 -1.21 16.45
N THR B 52 3.29 -1.56 17.47
CA THR B 52 2.83 -1.43 18.85
C THR B 52 2.82 0.02 19.31
N HIS B 53 3.34 0.94 18.51
CA HIS B 53 3.28 2.36 18.85
C HIS B 53 2.02 3.02 18.33
N LEU B 54 1.22 2.32 17.52
CA LEU B 54 -0.02 2.91 17.02
C LEU B 54 -1.04 3.01 18.14
N GLN B 55 -1.70 4.16 18.24
CA GLN B 55 -2.94 4.25 18.98
C GLN B 55 -4.08 3.79 18.05
N TYR B 56 -5.07 3.12 18.62
CA TYR B 56 -6.09 2.50 17.79
C TYR B 56 -7.39 2.43 18.56
N CYS B 57 -8.47 2.07 17.85
CA CYS B 57 -9.78 1.98 18.48
C CYS B 57 -10.23 0.53 18.60
N VAL B 58 -11.20 0.32 19.48
CA VAL B 58 -11.71 -1.03 19.74
C VAL B 58 -13.18 -1.11 19.36
N CYS B 59 -13.60 -0.25 18.43
CA CYS B 59 -15.01 -0.14 18.08
C CYS B 59 -15.56 -1.44 17.53
N ILE B 60 -16.82 -1.75 17.89
CA ILE B 60 -17.55 -2.89 17.34
C ILE B 60 -18.55 -2.47 16.28
N ASP B 61 -18.61 -1.18 15.96
CA ASP B 61 -19.55 -0.68 14.97
C ASP B 61 -18.78 -0.10 13.79
N ASP B 62 -19.35 0.90 13.11
CA ASP B 62 -18.69 1.52 11.97
C ASP B 62 -17.88 2.77 12.36
N CYS B 63 -17.50 2.90 13.63
CA CYS B 63 -16.70 4.04 14.12
C CYS B 63 -17.43 5.37 13.97
N SER B 64 -18.75 5.35 14.15
CA SER B 64 -19.50 6.59 14.16
C SER B 64 -19.85 7.08 15.57
N SER B 65 -19.41 6.39 16.61
CA SER B 65 -19.71 6.82 17.98
C SER B 65 -18.58 7.68 18.53
N SER B 66 -18.91 8.47 19.55
CA SER B 66 -17.94 9.32 20.23
C SER B 66 -16.89 8.52 21.00
N ASN B 67 -17.07 7.21 21.16
CA ASN B 67 -16.12 6.43 21.93
C ASN B 67 -14.98 5.91 21.07
N CYS B 68 -14.96 6.22 19.79
CA CYS B 68 -13.88 5.78 18.91
C CYS B 68 -12.62 6.55 19.24
N MET B 69 -11.56 5.83 19.65
CA MET B 69 -10.32 6.51 20.05
C MET B 69 -9.73 7.31 18.92
N CYS B 70 -9.88 6.84 17.68
CA CYS B 70 -9.31 7.54 16.55
C CYS B 70 -10.06 8.85 16.31
N GLY B 71 -11.38 8.84 16.49
CA GLY B 71 -12.12 10.10 16.49
C GLY B 71 -11.68 11.01 17.61
N GLN B 72 -11.37 10.45 18.78
CA GLN B 72 -10.94 11.28 19.90
C GLN B 72 -9.57 11.92 19.62
N LEU B 73 -8.65 11.16 19.02
CA LEU B 73 -7.39 11.76 18.61
C LEU B 73 -7.60 12.89 17.61
N SER B 74 -8.65 12.78 16.78
CA SER B 74 -8.98 13.83 15.82
C SER B 74 -9.79 14.97 16.43
N MET B 75 -10.04 14.89 17.74
CA MET B 75 -10.95 15.71 18.53
C MET B 75 -12.37 15.17 18.34
N ARG B 76 -12.77 14.98 17.09
CA ARG B 76 -13.96 14.21 16.74
C ARG B 76 -13.74 13.65 15.35
N CYS B 77 -14.46 12.59 14.99
CA CYS B 77 -14.44 12.18 13.60
C CYS B 77 -15.13 13.25 12.78
N TRP B 78 -14.44 13.75 11.75
CA TRP B 78 -14.95 14.87 10.98
C TRP B 78 -15.68 14.46 9.70
N TYR B 79 -15.81 13.15 9.44
CA TYR B 79 -16.36 12.63 8.19
C TYR B 79 -17.84 12.24 8.34
N ASP B 80 -18.65 12.59 7.34
CA ASP B 80 -20.02 12.09 7.24
C ASP B 80 -19.96 10.72 6.54
N LYS B 81 -21.13 10.15 6.16
CA LYS B 81 -21.13 8.78 5.64
C LYS B 81 -20.50 8.73 4.28
N ASP B 82 -20.50 9.86 3.64
CA ASP B 82 -20.01 9.98 2.30
C ASP B 82 -18.56 10.38 2.24
N GLY B 83 -17.87 10.40 3.37
CA GLY B 83 -16.47 10.74 3.40
C GLY B 83 -16.18 12.23 3.31
N ARG B 84 -17.18 13.07 3.50
CA ARG B 84 -16.99 14.51 3.39
C ARG B 84 -16.88 15.15 4.76
N LEU B 85 -16.11 16.23 4.84
CA LEU B 85 -15.93 16.91 6.12
C LEU B 85 -17.24 17.56 6.57
N LEU B 86 -17.51 17.46 7.86
CA LEU B 86 -18.68 18.10 8.43
C LEU B 86 -18.61 19.62 8.28
N PRO B 87 -19.76 20.30 8.22
CA PRO B 87 -19.73 21.77 8.14
C PRO B 87 -18.98 22.44 9.28
N GLU B 88 -18.91 21.82 10.46
CA GLU B 88 -18.24 22.45 11.60
C GLU B 88 -16.72 22.38 11.50
N PHE B 89 -16.18 21.63 10.55
CA PHE B 89 -14.74 21.52 10.39
C PHE B 89 -14.16 22.90 10.13
N ASN B 90 -13.07 23.22 10.81
CA ASN B 90 -12.50 24.57 10.77
C ASN B 90 -11.52 24.64 9.61
N MET B 91 -11.99 25.12 8.44
CA MET B 91 -11.14 25.22 7.27
C MET B 91 -10.03 26.25 7.46
N ALA B 92 -10.23 27.25 8.32
CA ALA B 92 -9.21 28.28 8.52
C ALA B 92 -8.08 27.80 9.41
N GLU B 93 -8.33 26.83 10.30
CA GLU B 93 -7.31 26.31 11.21
C GLU B 93 -7.58 24.83 11.43
N PRO B 94 -7.28 24.00 10.44
CA PRO B 94 -7.68 22.58 10.49
C PRO B 94 -6.97 21.83 11.60
N PRO B 95 -7.67 20.91 12.26
CA PRO B 95 -7.02 20.00 13.19
C PRO B 95 -6.32 18.87 12.45
N LEU B 96 -5.55 18.10 13.20
CA LEU B 96 -5.01 16.84 12.69
C LEU B 96 -6.11 15.80 12.58
N ILE B 97 -6.10 15.02 11.50
CA ILE B 97 -7.04 13.92 11.33
C ILE B 97 -6.30 12.61 11.53
N PHE B 98 -6.79 11.77 12.43
CA PHE B 98 -6.29 10.43 12.65
C PHE B 98 -7.33 9.46 12.08
N GLU B 99 -7.02 8.88 10.94
CA GLU B 99 -7.92 7.88 10.40
C GLU B 99 -7.68 6.54 11.09
N CYS B 100 -8.64 5.64 10.96
CA CYS B 100 -8.43 4.30 11.50
C CYS B 100 -7.32 3.59 10.74
N ASN B 101 -6.75 2.56 11.36
CA ASN B 101 -5.56 1.93 10.81
C ASN B 101 -5.67 0.42 11.03
N HIS B 102 -4.61 -0.30 10.65
CA HIS B 102 -4.62 -1.76 10.67
C HIS B 102 -4.50 -2.34 12.08
N ALA B 103 -4.26 -1.51 13.09
CA ALA B 103 -4.30 -1.99 14.47
C ALA B 103 -5.69 -1.86 15.10
N CYS B 104 -6.58 -1.09 14.49
CA CYS B 104 -7.94 -0.91 15.02
C CYS B 104 -8.72 -2.22 14.89
N SER B 105 -9.73 -2.35 15.75
CA SER B 105 -10.62 -3.52 15.73
C SER B 105 -11.69 -3.44 14.65
N CYS B 106 -11.90 -2.26 14.06
CA CYS B 106 -12.98 -2.04 13.12
C CYS B 106 -12.65 -2.63 11.74
N TRP B 107 -13.63 -2.58 10.86
CA TRP B 107 -13.50 -3.10 9.52
C TRP B 107 -12.98 -2.03 8.57
N ARG B 108 -12.51 -2.49 7.41
CA ARG B 108 -11.87 -1.61 6.43
C ARG B 108 -12.85 -0.62 5.82
N ASN B 109 -14.15 -0.81 5.99
CA ASN B 109 -15.16 0.10 5.48
C ASN B 109 -15.75 1.03 6.55
N CYS B 110 -15.06 1.21 7.68
CA CYS B 110 -15.63 2.06 8.72
C CYS B 110 -15.67 3.52 8.28
N ARG B 111 -16.39 4.32 9.06
CA ARG B 111 -16.59 5.73 8.73
C ARG B 111 -15.29 6.51 8.67
N ASN B 112 -14.32 6.15 9.50
CA ASN B 112 -13.14 6.98 9.71
C ASN B 112 -12.00 6.61 8.77
N ARG B 113 -12.32 6.44 7.48
CA ARG B 113 -11.33 6.07 6.47
C ARG B 113 -11.73 6.78 5.18
N VAL B 114 -10.94 7.76 4.76
CA VAL B 114 -11.25 8.53 3.57
C VAL B 114 -9.98 8.74 2.76
N VAL B 115 -8.99 9.42 3.35
CA VAL B 115 -7.77 9.70 2.61
C VAL B 115 -7.05 8.42 2.25
N GLN B 116 -7.14 7.40 3.12
CA GLN B 116 -6.46 6.14 2.83
C GLN B 116 -7.09 5.39 1.66
N ASN B 117 -8.26 5.82 1.19
CA ASN B 117 -8.87 5.20 0.02
C ASN B 117 -8.43 5.86 -1.28
N GLY B 118 -7.71 6.98 -1.22
CA GLY B 118 -7.05 7.51 -2.39
C GLY B 118 -7.91 8.46 -3.21
N LEU B 119 -7.27 9.01 -4.24
CA LEU B 119 -7.93 9.96 -5.13
C LEU B 119 -9.11 9.31 -5.87
N ARG B 120 -10.24 10.03 -5.93
CA ARG B 120 -11.44 9.59 -6.63
C ARG B 120 -11.95 10.56 -7.69
N ALA B 121 -11.72 11.85 -7.50
CA ALA B 121 -12.28 12.85 -8.39
C ALA B 121 -11.62 12.79 -9.77
N ARG B 122 -12.41 13.10 -10.80
CA ARG B 122 -11.90 13.19 -12.17
C ARG B 122 -11.19 14.53 -12.33
N LEU B 123 -9.85 14.48 -12.42
CA LEU B 123 -9.02 15.65 -12.59
C LEU B 123 -8.37 15.62 -13.97
N GLN B 124 -7.83 16.77 -14.37
CA GLN B 124 -7.17 16.90 -15.66
C GLN B 124 -6.05 17.91 -15.56
N LEU B 125 -4.87 17.54 -16.07
CA LEU B 125 -3.76 18.46 -16.21
C LEU B 125 -3.95 19.27 -17.48
N TYR B 126 -3.82 20.60 -17.40
CA TYR B 126 -4.09 21.39 -18.59
C TYR B 126 -3.17 22.60 -18.64
N ARG B 127 -3.01 23.15 -19.82
CA ARG B 127 -2.15 24.30 -20.03
C ARG B 127 -2.97 25.58 -19.79
N THR B 128 -2.59 26.34 -18.76
CA THR B 128 -3.21 27.63 -18.54
C THR B 128 -2.61 28.67 -19.49
N ARG B 129 -3.23 29.85 -19.52
CA ARG B 129 -2.72 30.89 -20.41
C ARG B 129 -1.51 31.61 -19.83
N ASP B 130 -1.41 31.76 -18.51
CA ASP B 130 -0.29 32.54 -17.99
C ASP B 130 0.29 32.01 -16.68
N MET B 131 -0.01 30.78 -16.30
CA MET B 131 0.59 30.18 -15.11
C MET B 131 1.09 28.78 -15.40
N GLY B 132 1.53 28.53 -16.63
CA GLY B 132 2.08 27.21 -16.97
C GLY B 132 1.01 26.13 -16.93
N TRP B 133 1.39 24.97 -16.41
CA TRP B 133 0.40 23.91 -16.25
C TRP B 133 -0.42 24.15 -14.98
N GLY B 134 -1.67 23.72 -15.01
CA GLY B 134 -2.53 23.71 -13.85
C GLY B 134 -3.38 22.45 -13.86
N VAL B 135 -4.16 22.28 -12.78
CA VAL B 135 -5.04 21.14 -12.63
C VAL B 135 -6.47 21.64 -12.50
N ARG B 136 -7.39 21.03 -13.25
CA ARG B 136 -8.79 21.36 -13.11
C ARG B 136 -9.61 20.13 -12.72
N SER B 137 -10.77 20.39 -12.13
CA SER B 137 -11.75 19.35 -11.87
C SER B 137 -12.64 19.24 -13.11
N LEU B 138 -12.90 18.00 -13.55
CA LEU B 138 -13.79 17.76 -14.66
C LEU B 138 -15.23 17.56 -14.22
N GLN B 139 -15.48 17.51 -12.92
CA GLN B 139 -16.80 17.27 -12.35
C GLN B 139 -17.05 18.26 -11.23
N ASP B 140 -18.31 18.34 -10.81
CA ASP B 140 -18.62 19.09 -9.59
C ASP B 140 -18.03 18.36 -8.40
N ILE B 141 -17.42 19.11 -7.48
CA ILE B 141 -16.90 18.54 -6.24
C ILE B 141 -17.59 19.24 -5.08
N PRO B 142 -18.42 18.54 -4.31
CA PRO B 142 -19.11 19.18 -3.18
C PRO B 142 -18.11 19.68 -2.14
N PRO B 143 -18.52 20.64 -1.31
CA PRO B 143 -17.63 21.09 -0.21
C PRO B 143 -17.23 19.93 0.70
N GLY B 144 -16.00 20.01 1.21
CA GLY B 144 -15.52 19.06 2.20
C GLY B 144 -15.07 17.74 1.63
N THR B 145 -14.86 17.65 0.32
CA THR B 145 -14.49 16.41 -0.34
C THR B 145 -12.97 16.28 -0.41
N PHE B 146 -12.47 15.08 -0.13
CA PHE B 146 -11.04 14.82 -0.37
C PHE B 146 -10.77 14.83 -1.87
N VAL B 147 -9.81 15.67 -2.30
CA VAL B 147 -9.51 15.80 -3.73
C VAL B 147 -8.22 15.08 -4.11
N CYS B 148 -7.11 15.40 -3.46
CA CYS B 148 -5.86 14.70 -3.76
C CYS B 148 -4.88 14.95 -2.62
N GLU B 149 -3.87 14.10 -2.54
CA GLU B 149 -2.79 14.22 -1.56
C GLU B 149 -1.61 14.93 -2.20
N TYR B 150 -0.90 15.75 -1.43
CA TYR B 150 0.37 16.32 -1.90
C TYR B 150 1.44 15.25 -1.73
N VAL B 151 1.85 14.63 -2.83
CA VAL B 151 2.72 13.46 -2.80
C VAL B 151 4.06 13.83 -3.39
N GLY B 152 5.14 13.38 -2.75
CA GLY B 152 6.46 13.59 -3.30
C GLY B 152 7.53 12.86 -2.53
N GLU B 153 8.74 13.40 -2.60
CA GLU B 153 9.90 12.86 -1.92
C GLU B 153 9.98 13.50 -0.54
N LEU B 154 10.01 12.68 0.51
CA LEU B 154 10.16 13.19 1.87
C LEU B 154 11.62 13.48 2.14
N ILE B 155 11.92 14.70 2.58
CA ILE B 155 13.31 15.11 2.80
C ILE B 155 13.39 15.90 4.11
N SER B 156 14.59 15.94 4.67
CA SER B 156 14.87 16.73 5.87
C SER B 156 14.96 18.22 5.51
N ASP B 157 14.84 19.06 6.54
CA ASP B 157 15.09 20.49 6.36
C ASP B 157 16.52 20.74 5.88
N SER B 158 17.49 19.97 6.38
CA SER B 158 18.87 20.12 5.95
C SER B 158 19.02 19.85 4.46
N GLU B 159 18.30 18.86 3.95
CA GLU B 159 18.36 18.55 2.53
C GLU B 159 17.63 19.59 1.70
N ALA B 160 16.49 20.07 2.19
CA ALA B 160 15.80 21.15 1.48
C ALA B 160 16.68 22.39 1.36
N ASP B 161 17.55 22.63 2.36
CA ASP B 161 18.42 23.81 2.35
C ASP B 161 19.42 23.79 1.20
N VAL B 162 19.69 22.63 0.61
CA VAL B 162 20.70 22.53 -0.44
C VAL B 162 20.08 22.12 -1.78
N ARG B 163 18.76 22.27 -1.93
CA ARG B 163 18.07 21.97 -3.17
C ARG B 163 17.90 23.26 -3.98
N GLU B 164 18.40 23.24 -5.22
CA GLU B 164 18.35 24.42 -6.06
C GLU B 164 16.91 24.82 -6.39
N GLU B 165 16.08 23.83 -6.73
CA GLU B 165 14.72 24.09 -7.17
C GLU B 165 13.77 23.94 -5.99
N ASP B 166 13.17 25.06 -5.55
CA ASP B 166 12.29 25.03 -4.39
C ASP B 166 10.84 25.35 -4.75
N SER B 167 10.48 25.31 -6.04
CA SER B 167 9.13 25.67 -6.45
C SER B 167 8.10 24.57 -6.24
N TYR B 168 8.53 23.37 -5.85
CA TYR B 168 7.64 22.24 -5.63
C TYR B 168 7.85 21.68 -4.24
N LEU B 169 7.94 22.56 -3.24
CA LEU B 169 8.18 22.15 -1.87
C LEU B 169 6.96 22.43 -1.01
N PHE B 170 6.62 21.46 -0.16
CA PHE B 170 5.60 21.63 0.87
C PHE B 170 6.25 21.41 2.24
N ASP B 171 6.22 22.42 3.09
CA ASP B 171 6.82 22.31 4.42
C ASP B 171 5.91 21.52 5.37
N LEU B 172 6.48 20.50 6.01
CA LEU B 172 5.86 19.80 7.13
C LEU B 172 6.44 20.46 8.38
N ASP B 173 5.82 21.54 8.82
CA ASP B 173 6.43 22.37 9.85
C ASP B 173 6.23 21.70 11.20
N GLY B 177 12.15 22.42 15.88
CA GLY B 177 13.53 22.28 15.43
C GLY B 177 13.74 21.24 14.34
N GLU B 178 13.35 19.99 14.56
CA GLU B 178 13.48 18.96 13.51
C GLU B 178 12.22 19.03 12.65
N VAL B 179 12.36 19.46 11.39
CA VAL B 179 11.23 19.60 10.49
C VAL B 179 11.57 18.97 9.14
N TYR B 180 10.52 18.57 8.42
CA TYR B 180 10.68 17.84 7.16
C TYR B 180 9.85 18.52 6.08
N CYS B 181 10.05 18.05 4.86
CA CYS B 181 9.51 18.70 3.67
C CYS B 181 9.10 17.61 2.69
N ILE B 182 8.08 17.89 1.87
CA ILE B 182 7.78 17.07 0.70
C ILE B 182 8.27 17.83 -0.52
N ASP B 183 9.22 17.26 -1.26
CA ASP B 183 9.72 17.86 -2.50
C ASP B 183 9.12 17.06 -3.65
N ALA B 184 8.23 17.70 -4.41
CA ALA B 184 7.60 17.06 -5.56
C ALA B 184 8.30 17.40 -6.88
N ARG B 185 9.52 17.93 -6.83
CA ARG B 185 10.20 18.31 -8.06
C ARG B 185 10.57 17.10 -8.90
N PHE B 186 11.19 16.08 -8.28
CA PHE B 186 11.67 14.94 -9.04
C PHE B 186 10.71 13.76 -9.03
N TYR B 187 9.97 13.58 -7.93
CA TYR B 187 8.93 12.58 -7.80
C TYR B 187 7.70 13.25 -7.22
N GLY B 188 6.56 13.10 -7.87
CA GLY B 188 5.36 13.70 -7.32
C GLY B 188 4.15 13.17 -8.04
N ASN B 189 2.98 13.52 -7.51
CA ASN B 189 1.73 13.15 -8.17
C ASN B 189 1.11 14.40 -8.79
N VAL B 190 -0.20 14.33 -9.06
CA VAL B 190 -0.88 15.41 -9.75
C VAL B 190 -0.80 16.72 -8.98
N SER B 191 -0.66 16.66 -7.65
CA SER B 191 -0.70 17.88 -6.83
C SER B 191 0.44 18.82 -7.16
N ARG B 192 1.54 18.32 -7.70
CA ARG B 192 2.68 19.19 -8.00
C ARG B 192 2.34 20.23 -9.06
N PHE B 193 1.23 20.05 -9.79
CA PHE B 193 0.84 20.98 -10.83
C PHE B 193 -0.23 21.98 -10.38
N ILE B 194 -0.68 21.90 -9.12
CA ILE B 194 -1.72 22.80 -8.64
C ILE B 194 -1.12 24.17 -8.37
N ASN B 195 -1.73 25.19 -8.95
CA ASN B 195 -1.26 26.56 -8.81
C ASN B 195 -1.77 27.19 -7.53
N HIS B 196 -1.13 28.29 -7.15
CA HIS B 196 -1.52 29.01 -5.94
C HIS B 196 -2.72 29.91 -6.20
N HIS B 197 -3.64 29.98 -5.23
CA HIS B 197 -4.75 30.92 -5.27
C HIS B 197 -4.92 31.54 -3.89
N CYS B 198 -5.14 32.86 -3.86
CA CYS B 198 -5.24 33.58 -2.59
C CYS B 198 -6.58 33.37 -1.89
N GLU B 199 -7.62 32.94 -2.60
CA GLU B 199 -8.91 32.54 -2.01
C GLU B 199 -9.20 31.11 -2.46
N PRO B 200 -8.45 30.14 -1.94
CA PRO B 200 -8.33 28.84 -2.59
C PRO B 200 -9.54 27.94 -2.39
N ASN B 201 -9.79 27.11 -3.40
CA ASN B 201 -10.85 26.11 -3.28
C ASN B 201 -10.36 24.80 -2.68
N LEU B 202 -9.07 24.71 -2.33
CA LEU B 202 -8.53 23.58 -1.59
C LEU B 202 -7.83 24.05 -0.32
N VAL B 203 -7.92 23.23 0.73
CA VAL B 203 -7.16 23.49 1.95
C VAL B 203 -6.35 22.24 2.31
N PRO B 204 -5.07 22.37 2.65
CA PRO B 204 -4.28 21.20 3.08
C PRO B 204 -4.60 20.84 4.52
N VAL B 205 -4.80 19.55 4.77
CA VAL B 205 -5.09 19.01 6.10
C VAL B 205 -4.05 17.94 6.40
N ARG B 206 -3.49 17.96 7.61
CA ARG B 206 -2.51 16.97 8.03
C ARG B 206 -3.24 15.72 8.49
N VAL B 207 -2.86 14.57 7.94
CA VAL B 207 -3.61 13.33 8.19
C VAL B 207 -2.65 12.23 8.57
N PHE B 208 -3.07 11.36 9.50
CA PHE B 208 -2.31 10.18 9.88
C PHE B 208 -3.13 8.94 9.60
N MET B 209 -2.48 7.93 9.02
CA MET B 209 -3.13 6.71 8.59
C MET B 209 -2.31 5.50 9.09
N ALA B 210 -1.38 5.00 8.27
CA ALA B 210 -0.71 3.74 8.63
C ALA B 210 0.31 3.92 9.75
N HIS B 211 0.82 5.14 9.97
CA HIS B 211 1.73 5.43 11.08
C HIS B 211 1.25 6.69 11.78
N GLN B 212 1.75 6.92 12.98
CA GLN B 212 1.39 8.10 13.75
C GLN B 212 2.64 8.85 14.21
N ASP B 213 3.65 8.87 13.33
CA ASP B 213 4.87 9.63 13.58
C ASP B 213 4.57 11.09 13.25
N LEU B 214 4.45 11.92 14.29
CA LEU B 214 3.92 13.26 14.10
C LEU B 214 4.86 14.16 13.30
N ARG B 215 6.11 13.73 13.07
CA ARG B 215 7.01 14.49 12.20
C ARG B 215 6.60 14.41 10.74
N PHE B 216 5.78 13.42 10.40
CA PHE B 216 5.49 13.07 9.02
C PHE B 216 3.98 12.99 8.76
N PRO B 217 3.26 14.10 8.95
CA PRO B 217 1.87 14.13 8.50
C PRO B 217 1.82 13.93 6.99
N ARG B 218 0.73 13.35 6.52
CA ARG B 218 0.45 13.35 5.09
C ARG B 218 -0.51 14.49 4.79
N ILE B 219 -0.36 15.08 3.61
CA ILE B 219 -1.02 16.35 3.29
C ILE B 219 -2.17 16.05 2.34
N ALA B 220 -3.39 16.19 2.84
CA ALA B 220 -4.60 15.89 2.07
C ALA B 220 -5.33 17.20 1.76
N PHE B 221 -5.59 17.43 0.48
CA PHE B 221 -6.36 18.61 0.07
C PHE B 221 -7.84 18.28 0.07
N PHE B 222 -8.61 19.07 0.81
CA PHE B 222 -10.07 18.99 0.80
C PHE B 222 -10.64 20.25 0.16
N SER B 223 -11.77 20.11 -0.51
CA SER B 223 -12.43 21.27 -1.11
C SER B 223 -13.03 22.17 -0.02
N THR B 224 -12.85 23.49 -0.17
CA THR B 224 -13.37 24.46 0.79
C THR B 224 -14.76 24.96 0.43
N ARG B 225 -15.26 24.57 -0.72
CA ARG B 225 -16.53 25.05 -1.25
C ARG B 225 -16.88 24.10 -2.39
N LEU B 226 -18.07 24.28 -2.94
CA LEU B 226 -18.40 23.56 -4.16
C LEU B 226 -17.48 24.02 -5.26
N ILE B 227 -16.78 23.06 -5.87
CA ILE B 227 -15.93 23.31 -7.03
C ILE B 227 -16.71 22.86 -8.26
N GLU B 228 -16.96 23.80 -9.17
CA GLU B 228 -17.77 23.50 -10.34
C GLU B 228 -16.92 22.80 -11.40
N ALA B 229 -17.57 21.94 -12.18
CA ALA B 229 -16.91 21.30 -13.31
C ALA B 229 -16.18 22.32 -14.16
N GLY B 230 -14.90 22.03 -14.46
CA GLY B 230 -14.08 22.91 -15.28
C GLY B 230 -13.19 23.85 -14.50
N GLU B 231 -13.46 24.03 -13.21
CA GLU B 231 -12.71 24.99 -12.40
C GLU B 231 -11.29 24.52 -12.14
N GLN B 232 -10.36 25.46 -12.15
CA GLN B 232 -9.00 25.16 -11.77
C GLN B 232 -8.90 24.99 -10.26
N LEU B 233 -8.14 23.99 -9.82
CA LEU B 233 -7.83 23.81 -8.41
C LEU B 233 -6.76 24.79 -7.98
N GLY B 234 -6.85 25.23 -6.72
CA GLY B 234 -5.81 26.06 -6.14
C GLY B 234 -5.75 25.89 -4.64
N PHE B 235 -4.55 26.04 -4.09
CA PHE B 235 -4.38 26.14 -2.65
C PHE B 235 -3.42 27.30 -2.37
N ASP B 236 -3.39 27.71 -1.10
CA ASP B 236 -2.57 28.85 -0.70
C ASP B 236 -1.17 28.31 -0.37
N TYR B 237 -0.19 28.66 -1.21
CA TYR B 237 1.18 28.19 -0.99
C TYR B 237 1.76 28.69 0.33
N GLY B 238 1.23 29.79 0.87
CA GLY B 238 1.71 30.29 2.15
C GLY B 238 2.78 31.37 2.02
N GLU B 239 3.18 31.87 3.19
CA GLU B 239 4.03 33.06 3.22
C GLU B 239 5.49 32.76 2.94
N ARG B 240 5.98 31.55 3.22
CA ARG B 240 7.39 31.29 2.92
C ARG B 240 7.61 31.26 1.41
N PHE B 241 6.71 30.60 0.67
CA PHE B 241 6.80 30.61 -0.78
C PHE B 241 6.87 32.04 -1.31
N TRP B 242 5.93 32.88 -0.90
CA TRP B 242 5.81 34.20 -1.49
C TRP B 242 6.85 35.17 -0.96
N ASP B 243 7.38 34.95 0.25
CA ASP B 243 8.51 35.77 0.71
C ASP B 243 9.72 35.57 -0.20
N ILE B 244 9.88 34.38 -0.74
CA ILE B 244 10.98 34.06 -1.63
C ILE B 244 10.66 34.42 -3.07
N LYS B 245 9.53 33.94 -3.59
CA LYS B 245 9.24 34.08 -5.01
C LYS B 245 8.67 35.44 -5.38
N GLY B 246 8.13 36.18 -4.41
CA GLY B 246 7.59 37.51 -4.69
C GLY B 246 8.61 38.50 -5.23
N LYS B 247 9.89 38.29 -4.97
CA LYS B 247 10.89 39.18 -5.56
C LYS B 247 11.22 38.81 -7.00
N LEU B 248 10.68 37.71 -7.50
CA LEU B 248 10.83 37.31 -8.89
C LEU B 248 9.58 37.52 -9.73
N PHE B 249 8.40 37.25 -9.17
CA PHE B 249 7.16 37.45 -9.89
C PHE B 249 6.04 37.71 -8.87
N SER B 250 4.96 38.28 -9.36
CA SER B 250 3.79 38.54 -8.52
C SER B 250 2.69 37.53 -8.83
N CYS B 251 1.73 37.46 -7.92
CA CYS B 251 0.67 36.47 -8.04
C CYS B 251 -0.27 36.82 -9.20
N ARG B 252 -0.63 35.80 -9.98
CA ARG B 252 -1.57 36.00 -11.07
C ARG B 252 -2.90 35.28 -10.83
N CYS B 253 -3.25 35.01 -9.57
CA CYS B 253 -4.48 34.27 -9.29
C CYS B 253 -5.72 35.06 -9.71
N GLY B 254 -5.62 36.39 -9.78
CA GLY B 254 -6.73 37.19 -10.25
C GLY B 254 -7.84 37.40 -9.25
N SER B 255 -7.65 36.97 -8.01
CA SER B 255 -8.67 37.20 -7.00
C SER B 255 -8.80 38.69 -6.72
N PRO B 256 -10.04 39.19 -6.55
CA PRO B 256 -10.19 40.55 -6.03
C PRO B 256 -9.61 40.72 -4.64
N LYS B 257 -9.31 39.63 -3.93
CA LYS B 257 -8.69 39.68 -2.62
C LYS B 257 -7.26 39.13 -2.65
N CYS B 258 -6.60 39.20 -3.81
CA CYS B 258 -5.23 38.71 -3.93
C CYS B 258 -4.32 39.45 -2.95
N ARG B 259 -3.46 38.69 -2.25
CA ARG B 259 -2.56 39.23 -1.24
C ARG B 259 -1.12 39.29 -1.71
N HIS B 260 -0.83 38.90 -2.95
CA HIS B 260 0.55 38.79 -3.43
C HIS B 260 0.73 39.41 -4.81
N SER B 261 -0.14 40.32 -5.22
CA SER B 261 -0.05 40.90 -6.56
C SER B 261 0.87 42.12 -6.56
#